data_9REC
#
_entry.id   9REC
#
_cell.length_a   51.592
_cell.length_b   71.422
_cell.length_c   98.280
_cell.angle_alpha   90.00
_cell.angle_beta   90.00
_cell.angle_gamma   90.00
#
_symmetry.space_group_name_H-M   'P 21 21 21'
#
loop_
_entity.id
_entity.type
_entity.pdbx_description
1 polymer 'cAMP-dependent protein kinase catalytic subunit alpha'
2 non-polymer 2,5,8,11-TETRAOXATRIDECANE
3 non-polymer 'methyl 2-[(1~{R})-1-(2,2-dimethylpropanoylamino)-2-oxidanyl-ethyl]-1,3-oxazole-4-carboxylate'
4 non-polymer 'DIMETHYL SULFOXIDE'
5 water water
#
_entity_poly.entity_id   1
_entity_poly.type   'polypeptide(L)'
_entity_poly.pdbx_seq_one_letter_code
;GHMGNAAAAKKGSEQESVKEFLAKAKEEFLKKWESPSQNTAQLDHFDRIKTLGTGSFGRVMLVKHKETGNHYAMKILDKQ
KVVKLKQIEHTLNEKRILQAVNFPFLVKLEFSFKDNSNLYMVMEYVPGGEMFSHLRRIGRF(SEP)EPHARFYAAQIVLT
FEYLHSLDLIYRDLKPENLLIDQQGYIQVTDFGFAKRVKGRTW(TPO)LCGTPEYLAPEIILSKGYNKAVDWWALGVLIY
EMAAGYPPFFADQPIQIYEKIVSGKVRFPSHFSSDLKDLLRNLLQVDLTKRFGNLKNGVNDIKNHKWFATTDWIAIYQRK
VEAPFIPKFKGPGDTSNFDDYEEEEIRV(SEP)INEKCGKEFTEF
;
_entity_poly.pdbx_strand_id   A
#
loop_
_chem_comp.id
_chem_comp.type
_chem_comp.name
_chem_comp.formula
A1JEU non-polymer 'methyl 2-[(1~{R})-1-(2,2-dimethylpropanoylamino)-2-oxidanyl-ethyl]-1,3-oxazole-4-carboxylate' 'C12 H18 N2 O5'
DMS non-polymer 'DIMETHYL SULFOXIDE' 'C2 H6 O S'
PGF non-polymer 2,5,8,11-TETRAOXATRIDECANE 'C9 H20 O4'
#
# COMPACT_ATOMS: atom_id res chain seq x y z
N GLN A 15 -18.00 -18.55 -6.27
CA GLN A 15 -19.13 -17.75 -6.72
C GLN A 15 -18.86 -17.28 -8.14
N GLU A 16 -19.67 -17.71 -9.12
CA GLU A 16 -19.37 -17.43 -10.53
C GLU A 16 -19.23 -15.94 -10.79
N SER A 17 -19.97 -15.09 -10.08
CA SER A 17 -19.89 -13.66 -10.37
C SER A 17 -18.52 -13.10 -9.98
N VAL A 18 -17.96 -13.59 -8.87
CA VAL A 18 -16.62 -13.19 -8.44
C VAL A 18 -15.58 -13.76 -9.40
N LYS A 19 -15.73 -15.04 -9.77
CA LYS A 19 -14.81 -15.63 -10.74
C LYS A 19 -14.79 -14.85 -12.07
N GLU A 20 -15.96 -14.47 -12.56
CA GLU A 20 -16.00 -13.75 -13.83
C GLU A 20 -15.43 -12.33 -13.66
N PHE A 21 -15.73 -11.67 -12.53
CA PHE A 21 -15.09 -10.39 -12.26
C PHE A 21 -13.56 -10.50 -12.30
N LEU A 22 -12.99 -11.47 -11.59
CA LEU A 22 -11.54 -11.61 -11.53
C LEU A 22 -10.94 -12.02 -12.88
N ALA A 23 -11.68 -12.81 -13.70
CA ALA A 23 -11.13 -13.16 -15.01
C ALA A 23 -11.04 -11.92 -15.90
N LYS A 24 -12.06 -11.06 -15.88
CA LYS A 24 -12.00 -9.80 -16.61
C LYS A 24 -10.89 -8.90 -16.06
N ALA A 25 -10.76 -8.84 -14.73
CA ALA A 25 -9.73 -8.01 -14.13
C ALA A 25 -8.35 -8.44 -14.63
N LYS A 26 -8.14 -9.75 -14.75
CA LYS A 26 -6.82 -10.24 -15.18
C LYS A 26 -6.57 -9.95 -16.68
N GLU A 27 -7.60 -10.10 -17.50
CA GLU A 27 -7.48 -9.76 -18.92
C GLU A 27 -7.09 -8.29 -19.08
N GLU A 28 -7.76 -7.39 -18.33
CA GLU A 28 -7.51 -5.97 -18.53
C GLU A 28 -6.12 -5.61 -18.01
N PHE A 29 -5.71 -6.20 -16.90
CA PHE A 29 -4.37 -6.00 -16.38
C PHE A 29 -3.33 -6.46 -17.40
N LEU A 30 -3.49 -7.67 -17.92
CA LEU A 30 -2.48 -8.22 -18.83
C LEU A 30 -2.31 -7.36 -20.07
N LYS A 31 -3.40 -6.82 -20.61
CA LYS A 31 -3.25 -5.99 -21.81
C LYS A 31 -2.33 -4.79 -21.53
N LYS A 32 -2.52 -4.12 -20.39
CA LYS A 32 -1.68 -2.97 -20.04
C LYS A 32 -0.30 -3.42 -19.60
N TRP A 33 -0.19 -4.55 -18.93
CA TRP A 33 1.11 -5.07 -18.51
C TRP A 33 2.00 -5.35 -19.71
N GLU A 34 1.43 -5.92 -20.76
CA GLU A 34 2.22 -6.30 -21.93
C GLU A 34 2.56 -5.11 -22.81
N SER A 35 1.83 -4.01 -22.72
CA SER A 35 2.10 -2.80 -23.52
C SER A 35 2.02 -1.57 -22.63
N PRO A 36 3.03 -1.30 -21.80
CA PRO A 36 2.88 -0.25 -20.78
C PRO A 36 2.87 1.14 -21.38
N SER A 37 2.08 2.03 -20.79
N SER A 37 2.13 2.03 -20.73
CA SER A 37 2.15 3.42 -21.21
CA SER A 37 2.12 3.43 -21.07
C SER A 37 3.46 4.03 -20.74
C SER A 37 3.44 4.07 -20.67
N GLN A 38 3.92 5.02 -21.49
CA GLN A 38 5.17 5.71 -21.20
C GLN A 38 4.99 7.17 -21.59
N ASN A 39 5.68 8.04 -20.84
CA ASN A 39 5.94 9.42 -21.32
C ASN A 39 4.64 10.18 -21.57
N THR A 40 3.74 10.20 -20.57
CA THR A 40 2.40 10.74 -20.76
C THR A 40 2.21 12.13 -20.12
N ALA A 41 3.28 12.71 -19.58
CA ALA A 41 3.25 14.11 -19.15
C ALA A 41 4.69 14.62 -19.14
N GLN A 42 4.86 15.88 -18.69
CA GLN A 42 6.19 16.43 -18.53
C GLN A 42 6.18 17.41 -17.36
N LEU A 43 7.37 17.65 -16.77
CA LEU A 43 7.46 18.38 -15.51
C LEU A 43 6.92 19.81 -15.63
N ASP A 44 7.20 20.51 -16.73
CA ASP A 44 6.79 21.91 -16.82
C ASP A 44 5.32 22.07 -17.14
N HIS A 45 4.54 20.98 -17.13
CA HIS A 45 3.08 21.12 -17.15
C HIS A 45 2.49 21.29 -15.76
N PHE A 46 3.32 21.25 -14.73
CA PHE A 46 2.86 21.28 -13.34
C PHE A 46 3.57 22.38 -12.57
N ASP A 47 2.86 22.93 -11.59
CA ASP A 47 3.41 23.79 -10.54
C ASP A 47 3.65 22.94 -9.29
N ARG A 48 4.79 23.11 -8.66
CA ARG A 48 5.11 22.46 -7.40
C ARG A 48 4.49 23.24 -6.24
N ILE A 49 3.84 22.54 -5.33
N ILE A 49 3.84 22.56 -5.33
CA ILE A 49 3.11 23.15 -4.20
CA ILE A 49 3.23 23.19 -4.18
C ILE A 49 3.77 22.86 -2.85
C ILE A 49 3.98 22.87 -2.90
N LYS A 50 4.04 21.59 -2.54
CA LYS A 50 4.52 21.27 -1.19
C LYS A 50 5.06 19.84 -1.18
N THR A 51 6.09 19.59 -0.37
CA THR A 51 6.56 18.21 -0.15
C THR A 51 5.69 17.53 0.89
N LEU A 52 5.15 16.36 0.54
CA LEU A 52 4.27 15.59 1.42
C LEU A 52 4.95 14.42 2.10
N GLY A 53 6.15 14.05 1.68
CA GLY A 53 6.92 12.96 2.30
C GLY A 53 8.25 12.86 1.56
N THR A 54 9.25 12.29 2.25
N THR A 54 9.21 12.23 2.24
CA THR A 54 10.59 12.20 1.64
CA THR A 54 10.55 12.07 1.69
C THR A 54 11.41 11.05 2.25
C THR A 54 11.09 10.70 2.04
N GLY A 55 12.22 10.37 1.41
CA GLY A 55 12.95 9.16 1.76
C GLY A 55 14.37 9.22 1.21
N SER A 56 15.06 8.07 1.22
N SER A 56 15.03 8.06 1.21
CA SER A 56 16.45 8.06 0.79
CA SER A 56 16.44 8.00 0.82
C SER A 56 16.61 8.30 -0.71
C SER A 56 16.67 8.09 -0.69
N PHE A 57 15.65 7.86 -1.53
CA PHE A 57 15.81 8.01 -2.96
C PHE A 57 14.68 8.72 -3.66
N GLY A 58 13.65 9.17 -2.93
CA GLY A 58 12.43 9.69 -3.52
C GLY A 58 11.68 10.59 -2.57
N ARG A 59 10.65 11.24 -3.11
CA ARG A 59 9.77 12.11 -2.31
C ARG A 59 8.43 12.18 -3.04
N VAL A 60 7.38 12.58 -2.32
CA VAL A 60 6.09 12.82 -2.93
C VAL A 60 5.78 14.30 -2.75
N MET A 61 5.33 14.91 -3.85
N MET A 61 5.45 14.99 -3.86
CA MET A 61 5.05 16.33 -3.94
CA MET A 61 5.12 16.40 -3.80
C MET A 61 3.58 16.50 -4.23
C MET A 61 3.71 16.65 -4.30
N LEU A 62 2.96 17.51 -3.60
CA LEU A 62 1.71 18.01 -4.17
C LEU A 62 2.05 18.95 -5.33
N VAL A 63 1.39 18.73 -6.47
CA VAL A 63 1.54 19.56 -7.64
C VAL A 63 0.17 19.93 -8.16
N LYS A 64 0.13 20.96 -9.01
CA LYS A 64 -1.08 21.38 -9.69
C LYS A 64 -0.80 21.45 -11.18
N HIS A 65 -1.66 20.81 -11.97
CA HIS A 65 -1.57 20.95 -13.42
C HIS A 65 -1.92 22.38 -13.86
N LYS A 66 -1.05 23.02 -14.67
CA LYS A 66 -1.19 24.43 -14.95
C LYS A 66 -2.38 24.75 -15.86
N GLU A 67 -2.83 23.81 -16.68
CA GLU A 67 -3.93 24.06 -17.59
C GLU A 67 -5.27 23.67 -17.00
N THR A 68 -5.35 22.53 -16.29
CA THR A 68 -6.64 22.09 -15.76
C THR A 68 -6.88 22.55 -14.34
N GLY A 69 -5.83 22.90 -13.60
CA GLY A 69 -5.92 23.21 -12.20
C GLY A 69 -6.04 22.00 -11.31
N ASN A 70 -5.97 20.78 -11.87
CA ASN A 70 -6.13 19.59 -11.00
C ASN A 70 -4.90 19.38 -10.13
N HIS A 71 -5.11 18.87 -8.93
CA HIS A 71 -4.03 18.53 -8.03
C HIS A 71 -3.67 17.07 -8.19
N TYR A 72 -2.40 16.77 -7.97
CA TYR A 72 -1.88 15.42 -8.04
C TYR A 72 -0.79 15.24 -7.01
N ALA A 73 -0.50 13.98 -6.61
CA ALA A 73 0.64 13.65 -5.77
C ALA A 73 1.72 13.08 -6.69
N MET A 74 2.79 13.80 -6.90
CA MET A 74 3.85 13.38 -7.82
C MET A 74 4.99 12.76 -7.05
N LYS A 75 5.23 11.46 -7.27
CA LYS A 75 6.38 10.80 -6.68
C LYS A 75 7.58 11.00 -7.59
N ILE A 76 8.67 11.53 -7.03
CA ILE A 76 9.89 11.85 -7.79
C ILE A 76 10.99 10.97 -7.25
N LEU A 77 11.61 10.16 -8.12
CA LEU A 77 12.70 9.27 -7.73
C LEU A 77 13.97 9.73 -8.42
N ASP A 78 15.04 9.93 -7.65
CA ASP A 78 16.32 10.30 -8.23
C ASP A 78 17.01 9.05 -8.79
N LYS A 79 17.23 9.02 -10.12
CA LYS A 79 17.75 7.79 -10.76
C LYS A 79 19.07 7.33 -10.14
N GLN A 80 19.99 8.26 -9.90
CA GLN A 80 21.27 7.86 -9.33
C GLN A 80 21.11 7.25 -7.94
N LYS A 81 20.20 7.78 -7.11
CA LYS A 81 20.02 7.20 -5.77
C LYS A 81 19.29 5.87 -5.82
N VAL A 82 18.33 5.72 -6.75
CA VAL A 82 17.71 4.41 -6.99
C VAL A 82 18.76 3.35 -7.30
N VAL A 83 19.70 3.70 -8.20
CA VAL A 83 20.77 2.76 -8.53
C VAL A 83 21.62 2.43 -7.31
N LYS A 84 22.03 3.45 -6.55
CA LYS A 84 22.93 3.20 -5.43
C LYS A 84 22.27 2.33 -4.36
N LEU A 85 20.98 2.51 -4.14
CA LEU A 85 20.26 1.76 -3.11
C LEU A 85 19.65 0.48 -3.64
N LYS A 86 19.99 0.09 -4.87
CA LYS A 86 19.66 -1.22 -5.44
C LYS A 86 18.15 -1.39 -5.64
N GLN A 87 17.50 -0.30 -6.05
CA GLN A 87 16.07 -0.29 -6.26
C GLN A 87 15.69 -0.16 -7.73
N ILE A 88 16.57 -0.50 -8.68
CA ILE A 88 16.20 -0.36 -10.10
C ILE A 88 14.98 -1.21 -10.44
N GLU A 89 15.10 -2.51 -10.24
CA GLU A 89 14.00 -3.42 -10.57
C GLU A 89 12.74 -3.06 -9.81
N HIS A 90 12.86 -2.72 -8.55
CA HIS A 90 11.69 -2.34 -7.76
C HIS A 90 10.98 -1.12 -8.33
N THR A 91 11.74 -0.09 -8.79
N THR A 91 11.74 -0.12 -8.80
CA THR A 91 11.09 1.09 -9.37
CA THR A 91 11.11 1.06 -9.36
C THR A 91 10.44 0.76 -10.70
C THR A 91 10.42 0.72 -10.68
N LEU A 92 11.05 -0.12 -11.49
CA LEU A 92 10.42 -0.54 -12.75
C LEU A 92 9.17 -1.36 -12.49
N ASN A 93 9.21 -2.25 -11.46
CA ASN A 93 8.00 -2.97 -11.05
C ASN A 93 6.91 -1.99 -10.69
N GLU A 94 7.24 -1.00 -9.83
CA GLU A 94 6.21 -0.11 -9.29
C GLU A 94 5.45 0.58 -10.43
N LYS A 95 6.18 1.17 -11.39
CA LYS A 95 5.48 1.90 -12.44
C LYS A 95 4.74 0.94 -13.37
N ARG A 96 5.37 -0.18 -13.75
CA ARG A 96 4.71 -1.08 -14.69
C ARG A 96 3.41 -1.65 -14.09
N ILE A 97 3.43 -1.97 -12.79
CA ILE A 97 2.22 -2.47 -12.13
C ILE A 97 1.18 -1.36 -12.00
N LEU A 98 1.58 -0.19 -11.50
CA LEU A 98 0.59 0.87 -11.27
C LEU A 98 -0.10 1.30 -12.56
N GLN A 99 0.61 1.32 -13.70
CA GLN A 99 -0.07 1.73 -14.93
C GLN A 99 -1.01 0.65 -15.45
N ALA A 100 -0.96 -0.56 -14.90
CA ALA A 100 -1.78 -1.67 -15.38
C ALA A 100 -2.94 -2.07 -14.46
N VAL A 101 -3.00 -1.60 -13.22
CA VAL A 101 -4.03 -2.03 -12.29
C VAL A 101 -5.19 -1.05 -12.26
N ASN A 102 -6.28 -1.48 -11.67
CA ASN A 102 -7.51 -0.68 -11.59
C ASN A 102 -8.38 -1.33 -10.55
N PHE A 103 -8.52 -0.70 -9.37
CA PHE A 103 -9.35 -1.26 -8.30
C PHE A 103 -9.79 -0.13 -7.40
N PRO A 104 -10.98 -0.22 -6.76
CA PRO A 104 -11.49 0.96 -6.01
C PRO A 104 -10.59 1.45 -4.90
N PHE A 105 -9.77 0.59 -4.33
CA PHE A 105 -8.99 0.88 -3.14
C PHE A 105 -7.51 1.00 -3.45
N LEU A 106 -7.14 1.25 -4.71
CA LEU A 106 -5.74 1.50 -5.08
C LEU A 106 -5.65 2.92 -5.60
N VAL A 107 -4.65 3.68 -5.13
N VAL A 107 -4.68 3.70 -5.12
CA VAL A 107 -4.42 5.02 -5.70
CA VAL A 107 -4.57 5.04 -5.68
C VAL A 107 -4.13 4.86 -7.20
C VAL A 107 -4.17 4.95 -7.14
N LYS A 108 -4.72 5.73 -8.01
N LYS A 108 -4.72 5.85 -7.94
CA LYS A 108 -4.60 5.69 -9.47
CA LYS A 108 -4.61 5.76 -9.40
C LYS A 108 -3.40 6.48 -9.98
C LYS A 108 -3.37 6.47 -9.89
N LEU A 109 -2.61 5.85 -10.84
N LEU A 109 -2.62 5.81 -10.76
CA LEU A 109 -1.52 6.50 -11.56
CA LEU A 109 -1.59 6.48 -11.54
C LEU A 109 -2.11 7.19 -12.78
C LEU A 109 -2.29 7.23 -12.66
N GLU A 110 -1.95 8.52 -12.82
CA GLU A 110 -2.52 9.31 -13.90
C GLU A 110 -1.54 9.52 -15.05
N PHE A 111 -0.26 9.77 -14.74
CA PHE A 111 0.75 9.98 -15.77
C PHE A 111 2.08 9.45 -15.24
N SER A 112 3.02 9.22 -16.17
CA SER A 112 4.38 8.96 -15.77
C SER A 112 5.33 9.51 -16.83
N PHE A 113 6.59 9.77 -16.43
CA PHE A 113 7.57 10.26 -17.39
C PHE A 113 8.91 10.26 -16.66
N LYS A 114 9.97 10.50 -17.43
CA LYS A 114 11.29 10.62 -16.84
C LYS A 114 12.03 11.76 -17.53
N ASP A 115 13.13 12.21 -16.92
CA ASP A 115 13.99 13.21 -17.55
C ASP A 115 15.43 12.82 -17.28
N ASN A 116 16.37 13.75 -17.52
CA ASN A 116 17.78 13.39 -17.35
C ASN A 116 18.11 12.89 -15.95
N SER A 117 17.39 13.34 -14.93
CA SER A 117 17.75 13.04 -13.55
C SER A 117 16.78 12.14 -12.83
N ASN A 118 15.46 12.24 -13.07
CA ASN A 118 14.46 11.65 -12.18
C ASN A 118 13.48 10.80 -12.96
N LEU A 119 12.79 9.95 -12.21
CA LEU A 119 11.56 9.27 -12.63
C LEU A 119 10.38 9.91 -11.92
N TYR A 120 9.22 10.00 -12.61
CA TYR A 120 8.04 10.65 -12.05
C TYR A 120 6.81 9.77 -12.23
N MET A 121 6.06 9.60 -11.15
CA MET A 121 4.77 8.94 -11.20
C MET A 121 3.77 9.94 -10.62
N VAL A 122 2.84 10.37 -11.45
CA VAL A 122 1.85 11.40 -11.06
C VAL A 122 0.55 10.69 -10.70
N MET A 123 0.23 10.69 -9.42
N MET A 123 0.25 10.65 -9.41
CA MET A 123 -0.90 9.95 -8.89
CA MET A 123 -0.85 9.87 -8.87
C MET A 123 -2.06 10.90 -8.58
C MET A 123 -1.97 10.82 -8.44
N GLU A 124 -3.21 10.31 -8.36
CA GLU A 124 -4.25 11.10 -7.73
C GLU A 124 -3.83 11.45 -6.31
N TYR A 125 -4.23 12.66 -5.87
CA TYR A 125 -3.90 13.13 -4.51
C TYR A 125 -5.05 12.80 -3.58
N VAL A 126 -4.74 12.10 -2.50
CA VAL A 126 -5.74 11.69 -1.48
C VAL A 126 -5.54 12.58 -0.25
N PRO A 127 -6.47 13.51 0.00
N PRO A 127 -6.33 13.65 -0.06
CA PRO A 127 -6.18 14.62 0.91
CA PRO A 127 -5.96 14.64 0.99
C PRO A 127 -6.42 14.30 2.36
C PRO A 127 -6.22 14.21 2.43
N GLY A 128 -6.96 13.13 2.68
CA GLY A 128 -7.32 12.84 4.06
C GLY A 128 -6.19 12.35 4.94
N GLY A 129 -4.99 12.09 4.37
CA GLY A 129 -3.87 11.69 5.17
C GLY A 129 -3.72 10.17 5.29
N GLU A 130 -2.64 9.76 5.92
CA GLU A 130 -2.37 8.35 6.18
C GLU A 130 -3.25 7.83 7.31
N MET A 131 -3.65 6.56 7.20
N MET A 131 -3.65 6.56 7.21
CA MET A 131 -4.30 5.90 8.31
CA MET A 131 -4.32 5.92 8.33
C MET A 131 -3.44 6.03 9.55
C MET A 131 -3.44 5.95 9.58
N PHE A 132 -2.12 5.92 9.40
CA PHE A 132 -1.20 5.98 10.52
C PHE A 132 -1.48 7.21 11.40
N SER A 133 -1.62 8.40 10.79
N SER A 133 -1.64 8.39 10.81
CA SER A 133 -1.85 9.62 11.57
CA SER A 133 -1.81 9.58 11.65
C SER A 133 -3.13 9.51 12.38
C SER A 133 -3.16 9.57 12.37
N HIS A 134 -4.19 9.05 11.72
CA HIS A 134 -5.48 8.94 12.38
C HIS A 134 -5.47 7.92 13.49
N LEU A 135 -4.82 6.77 13.28
CA LEU A 135 -4.73 5.74 14.30
C LEU A 135 -3.94 6.27 15.49
N ARG A 136 -2.80 6.90 15.25
CA ARG A 136 -1.99 7.37 16.37
C ARG A 136 -2.69 8.50 17.11
N ARG A 137 -3.48 9.33 16.40
CA ARG A 137 -4.25 10.38 17.06
C ARG A 137 -5.32 9.82 18.00
N ILE A 138 -6.11 8.85 17.52
CA ILE A 138 -7.22 8.35 18.33
C ILE A 138 -6.82 7.27 19.31
N GLY A 139 -5.69 6.63 19.08
CA GLY A 139 -5.16 5.59 19.94
C GLY A 139 -5.38 4.21 19.35
N ARG A 140 -6.65 3.77 19.28
CA ARG A 140 -7.00 2.52 18.62
C ARG A 140 -8.36 2.68 17.99
N PHE A 141 -8.64 1.85 16.97
CA PHE A 141 -9.97 1.82 16.35
C PHE A 141 -10.82 0.74 17.02
N SEP A 142 -12.12 1.00 17.13
CA SEP A 142 -13.04 -0.06 17.54
CB SEP A 142 -14.47 0.52 17.65
OG SEP A 142 -14.95 0.78 16.32
C SEP A 142 -12.99 -1.21 16.52
O SEP A 142 -12.57 -1.05 15.37
P SEP A 142 -16.32 1.67 16.16
O1P SEP A 142 -15.96 3.04 16.85
O2P SEP A 142 -16.57 1.90 14.60
O3P SEP A 142 -17.45 0.99 16.94
N GLU A 143 -13.49 -2.39 16.91
CA GLU A 143 -13.48 -3.50 15.96
C GLU A 143 -14.28 -3.22 14.70
N PRO A 144 -15.47 -2.57 14.78
CA PRO A 144 -16.19 -2.26 13.52
C PRO A 144 -15.35 -1.36 12.62
N HIS A 145 -14.66 -0.39 13.19
CA HIS A 145 -13.86 0.56 12.40
C HIS A 145 -12.67 -0.16 11.78
N ALA A 146 -11.95 -0.98 12.56
CA ALA A 146 -10.86 -1.79 12.02
C ALA A 146 -11.37 -2.73 10.95
N ARG A 147 -12.55 -3.33 11.14
CA ARG A 147 -13.11 -4.28 10.18
C ARG A 147 -13.47 -3.63 8.85
N PHE A 148 -13.99 -2.40 8.88
CA PHE A 148 -14.27 -1.66 7.64
C PHE A 148 -12.98 -1.54 6.78
N TYR A 149 -11.90 -1.10 7.40
CA TYR A 149 -10.64 -0.98 6.66
C TYR A 149 -10.09 -2.34 6.27
N ALA A 150 -10.16 -3.33 7.17
CA ALA A 150 -9.63 -4.66 6.89
C ALA A 150 -10.32 -5.28 5.68
N ALA A 151 -11.63 -5.10 5.57
CA ALA A 151 -12.39 -5.66 4.44
C ALA A 151 -11.87 -5.11 3.12
N GLN A 152 -11.57 -3.80 3.09
CA GLN A 152 -11.02 -3.21 1.87
C GLN A 152 -9.66 -3.83 1.53
N ILE A 153 -8.81 -4.08 2.53
CA ILE A 153 -7.53 -4.73 2.26
C ILE A 153 -7.73 -6.16 1.75
N VAL A 154 -8.66 -6.92 2.34
CA VAL A 154 -8.94 -8.29 1.89
C VAL A 154 -9.32 -8.29 0.42
N LEU A 155 -10.24 -7.39 0.02
CA LEU A 155 -10.66 -7.35 -1.38
C LEU A 155 -9.50 -6.94 -2.27
N THR A 156 -8.69 -5.97 -1.81
CA THR A 156 -7.56 -5.50 -2.62
C THR A 156 -6.53 -6.60 -2.82
N PHE A 157 -6.22 -7.36 -1.78
CA PHE A 157 -5.31 -8.49 -1.92
C PHE A 157 -5.89 -9.63 -2.74
N GLU A 158 -7.20 -9.85 -2.67
CA GLU A 158 -7.81 -10.83 -3.56
C GLU A 158 -7.58 -10.43 -5.03
N TYR A 159 -7.81 -9.14 -5.34
CA TYR A 159 -7.56 -8.61 -6.67
C TYR A 159 -6.10 -8.77 -7.06
N LEU A 160 -5.20 -8.21 -6.25
CA LEU A 160 -3.77 -8.23 -6.61
C LEU A 160 -3.28 -9.67 -6.79
N HIS A 161 -3.60 -10.53 -5.82
CA HIS A 161 -3.07 -11.89 -5.89
C HIS A 161 -3.59 -12.64 -7.11
N SER A 162 -4.83 -12.36 -7.53
CA SER A 162 -5.38 -13.00 -8.71
C SER A 162 -4.62 -12.61 -9.97
N LEU A 163 -3.96 -11.47 -9.97
CA LEU A 163 -3.10 -10.99 -11.04
C LEU A 163 -1.67 -11.47 -10.88
N ASP A 164 -1.41 -12.34 -9.89
CA ASP A 164 -0.08 -12.81 -9.54
C ASP A 164 0.80 -11.69 -9.01
N LEU A 165 0.21 -10.70 -8.36
CA LEU A 165 0.99 -9.63 -7.75
C LEU A 165 1.05 -9.80 -6.24
N ILE A 166 2.23 -9.64 -5.69
CA ILE A 166 2.46 -9.56 -4.24
C ILE A 166 2.74 -8.10 -3.89
N TYR A 167 2.12 -7.60 -2.83
CA TYR A 167 2.20 -6.18 -2.52
C TYR A 167 3.42 -5.86 -1.66
N ARG A 168 3.63 -6.57 -0.54
CA ARG A 168 4.86 -6.53 0.27
C ARG A 168 5.15 -5.20 0.98
N ASP A 169 4.23 -4.28 1.08
CA ASP A 169 4.52 -3.11 1.89
C ASP A 169 3.32 -2.69 2.69
N LEU A 170 2.48 -3.63 3.14
CA LEU A 170 1.35 -3.22 3.98
C LEU A 170 1.83 -2.68 5.32
N LYS A 171 1.36 -1.48 5.66
CA LYS A 171 1.65 -0.79 6.93
C LYS A 171 0.70 0.40 6.96
N PRO A 172 0.43 0.98 8.14
CA PRO A 172 -0.59 2.04 8.20
C PRO A 172 -0.23 3.32 7.43
N GLU A 173 1.06 3.59 7.24
CA GLU A 173 1.49 4.76 6.48
C GLU A 173 1.12 4.67 5.01
N ASN A 174 0.88 3.48 4.48
CA ASN A 174 0.60 3.29 3.04
C ASN A 174 -0.89 3.23 2.71
N LEU A 175 -1.76 3.50 3.70
CA LEU A 175 -3.20 3.45 3.51
C LEU A 175 -3.69 4.86 3.64
N LEU A 176 -4.03 5.51 2.57
CA LEU A 176 -4.53 6.90 2.60
C LEU A 176 -6.04 6.88 2.72
N ILE A 177 -6.57 7.82 3.51
N ILE A 177 -6.57 7.89 3.41
CA ILE A 177 -8.03 7.92 3.69
CA ILE A 177 -8.01 7.97 3.69
C ILE A 177 -8.57 8.98 2.74
C ILE A 177 -8.62 9.02 2.78
N ASP A 178 -9.56 8.61 1.95
CA ASP A 178 -10.11 9.51 0.95
C ASP A 178 -11.30 10.34 1.47
N GLN A 179 -11.88 11.11 0.55
CA GLN A 179 -12.94 12.06 0.94
C GLN A 179 -14.20 11.37 1.43
N GLN A 180 -14.38 10.08 1.09
CA GLN A 180 -15.52 9.31 1.57
C GLN A 180 -15.16 8.44 2.76
N GLY A 181 -13.94 8.56 3.28
CA GLY A 181 -13.51 7.75 4.39
C GLY A 181 -13.05 6.34 4.01
N TYR A 182 -12.91 6.05 2.72
CA TYR A 182 -12.41 4.76 2.26
C TYR A 182 -10.89 4.82 2.09
N ILE A 183 -10.27 3.67 2.03
N ILE A 183 -10.29 3.62 2.09
CA ILE A 183 -8.81 3.56 1.88
CA ILE A 183 -8.87 3.40 1.92
C ILE A 183 -8.40 3.59 0.40
C ILE A 183 -8.48 3.50 0.45
N GLN A 184 -7.25 4.21 0.16
N GLN A 184 -7.32 4.09 0.18
CA GLN A 184 -6.51 4.11 -1.08
CA GLN A 184 -6.63 3.88 -1.09
C GLN A 184 -5.11 3.60 -0.71
C GLN A 184 -5.17 3.59 -0.80
N VAL A 185 -4.72 2.41 -1.23
CA VAL A 185 -3.40 1.91 -0.95
C VAL A 185 -2.41 2.61 -1.88
N THR A 186 -1.33 3.11 -1.32
CA THR A 186 -0.30 3.79 -2.08
C THR A 186 1.04 3.09 -1.83
N ASP A 187 2.01 3.40 -2.69
CA ASP A 187 3.40 2.94 -2.59
C ASP A 187 3.53 1.49 -3.05
N PHE A 188 3.75 1.31 -4.36
CA PHE A 188 3.96 0.04 -4.97
C PHE A 188 5.44 -0.27 -5.16
N GLY A 189 6.31 0.39 -4.37
CA GLY A 189 7.74 0.24 -4.52
C GLY A 189 8.26 -1.16 -4.28
N PHE A 190 7.56 -1.98 -3.51
CA PHE A 190 7.93 -3.38 -3.31
C PHE A 190 7.00 -4.36 -4.01
N ALA A 191 6.01 -3.90 -4.76
CA ALA A 191 5.09 -4.85 -5.40
C ALA A 191 5.77 -5.54 -6.58
N LYS A 192 5.41 -6.80 -6.82
CA LYS A 192 6.10 -7.57 -7.83
C LYS A 192 5.12 -8.58 -8.43
N ARG A 193 5.27 -8.84 -9.72
CA ARG A 193 4.54 -9.95 -10.34
C ARG A 193 5.32 -11.25 -10.14
N VAL A 194 4.75 -12.18 -9.38
CA VAL A 194 5.42 -13.41 -8.88
C VAL A 194 4.41 -14.54 -9.06
N LYS A 195 4.69 -15.53 -9.94
CA LYS A 195 3.76 -16.67 -9.98
C LYS A 195 4.00 -17.71 -8.89
N GLY A 196 5.23 -17.81 -8.42
CA GLY A 196 5.65 -18.76 -7.41
C GLY A 196 6.30 -18.08 -6.23
N ARG A 197 7.61 -18.21 -6.08
CA ARG A 197 8.36 -17.65 -4.97
C ARG A 197 9.20 -16.47 -5.40
N THR A 198 9.58 -15.67 -4.41
CA THR A 198 10.50 -14.57 -4.56
C THR A 198 11.36 -14.46 -3.29
N TRP A 199 12.45 -13.71 -3.37
CA TRP A 199 13.48 -13.78 -2.33
C TRP A 199 13.92 -12.46 -1.69
N TPO A 200 13.50 -11.31 -2.18
CA TPO A 200 14.12 -10.08 -1.72
CB TPO A 200 13.74 -8.91 -2.61
CG2 TPO A 200 14.50 -7.64 -2.25
OG1 TPO A 200 14.08 -9.26 -3.96
P TPO A 200 12.79 -9.37 -4.99
O1P TPO A 200 12.17 -7.98 -5.11
O2P TPO A 200 13.37 -9.91 -6.30
O3P TPO A 200 11.85 -10.38 -4.32
C TPO A 200 13.72 -9.77 -0.27
O TPO A 200 12.53 -9.78 0.08
N LEU A 201 14.68 -9.33 0.54
CA LEU A 201 14.37 -8.81 1.86
C LEU A 201 13.85 -7.39 1.72
N CYS A 202 12.56 -7.18 1.99
CA CYS A 202 11.97 -5.85 1.94
C CYS A 202 10.72 -5.85 2.82
N GLY A 203 10.33 -4.65 3.26
CA GLY A 203 9.21 -4.38 4.16
C GLY A 203 9.66 -3.82 5.52
N THR A 204 8.73 -3.16 6.21
CA THR A 204 9.08 -2.58 7.49
C THR A 204 9.11 -3.66 8.56
N PRO A 205 10.04 -3.55 9.54
CA PRO A 205 10.27 -4.70 10.46
C PRO A 205 9.01 -5.24 11.13
N GLU A 206 8.12 -4.38 11.65
CA GLU A 206 7.00 -4.88 12.43
C GLU A 206 6.04 -5.74 11.61
N TYR A 207 6.05 -5.59 10.29
CA TYR A 207 5.12 -6.25 9.37
C TYR A 207 5.70 -7.45 8.63
N LEU A 208 6.99 -7.78 8.85
CA LEU A 208 7.61 -8.85 8.07
C LEU A 208 7.15 -10.22 8.53
N ALA A 209 6.80 -11.08 7.56
CA ALA A 209 6.47 -12.47 7.87
C ALA A 209 7.74 -13.24 8.28
N PRO A 210 7.59 -14.31 9.08
CA PRO A 210 8.77 -15.07 9.50
C PRO A 210 9.58 -15.55 8.31
N GLU A 211 8.94 -16.05 7.22
CA GLU A 211 9.72 -16.58 6.11
C GLU A 211 10.57 -15.53 5.41
N ILE A 212 10.18 -14.23 5.49
CA ILE A 212 11.08 -13.19 4.98
C ILE A 212 12.28 -13.03 5.89
N ILE A 213 12.04 -12.96 7.21
CA ILE A 213 13.12 -12.82 8.20
C ILE A 213 14.13 -13.95 8.06
N LEU A 214 13.64 -15.15 7.82
CA LEU A 214 14.47 -16.36 7.70
C LEU A 214 15.05 -16.56 6.29
N SER A 215 14.92 -15.58 5.39
N SER A 215 14.89 -15.59 5.38
CA SER A 215 15.60 -15.63 4.08
CA SER A 215 15.59 -15.61 4.10
C SER A 215 15.14 -16.80 3.22
C SER A 215 15.14 -16.76 3.19
N LYS A 216 13.89 -17.18 3.31
CA LYS A 216 13.33 -18.24 2.49
C LYS A 216 12.79 -17.67 1.17
N GLY A 217 12.55 -18.56 0.22
CA GLY A 217 11.71 -18.24 -0.92
C GLY A 217 10.27 -18.13 -0.44
N TYR A 218 9.70 -16.98 -0.56
CA TYR A 218 8.37 -16.78 0.01
C TYR A 218 7.37 -16.40 -1.08
N ASN A 219 6.09 -16.37 -0.72
CA ASN A 219 5.03 -16.19 -1.72
C ASN A 219 3.97 -15.20 -1.19
N LYS A 220 2.79 -15.18 -1.81
N LYS A 220 2.81 -15.19 -1.81
CA LYS A 220 1.73 -14.24 -1.47
CA LYS A 220 1.78 -14.22 -1.47
C LYS A 220 1.23 -14.39 -0.05
C LYS A 220 1.31 -14.35 -0.04
N ALA A 221 1.55 -15.49 0.64
CA ALA A 221 1.16 -15.62 2.04
C ALA A 221 1.74 -14.54 2.93
N VAL A 222 2.84 -13.90 2.51
CA VAL A 222 3.38 -12.82 3.33
C VAL A 222 2.43 -11.62 3.44
N ASP A 223 1.60 -11.39 2.44
CA ASP A 223 0.63 -10.30 2.48
C ASP A 223 -0.44 -10.61 3.52
N TRP A 224 -0.86 -11.89 3.62
CA TRP A 224 -1.88 -12.25 4.60
C TRP A 224 -1.33 -12.16 6.02
N TRP A 225 -0.07 -12.54 6.25
CA TRP A 225 0.59 -12.28 7.54
C TRP A 225 0.54 -10.79 7.86
N ALA A 226 0.93 -9.92 6.90
CA ALA A 226 0.95 -8.50 7.16
C ALA A 226 -0.46 -7.97 7.47
N LEU A 227 -1.50 -8.54 6.84
CA LEU A 227 -2.86 -8.17 7.18
C LEU A 227 -3.15 -8.47 8.65
N GLY A 228 -2.70 -9.62 9.16
CA GLY A 228 -2.85 -9.91 10.56
C GLY A 228 -2.20 -8.85 11.45
N VAL A 229 -0.97 -8.44 11.10
CA VAL A 229 -0.30 -7.39 11.85
C VAL A 229 -1.10 -6.11 11.81
N LEU A 230 -1.61 -5.72 10.63
CA LEU A 230 -2.36 -4.48 10.49
C LEU A 230 -3.64 -4.53 11.33
N ILE A 231 -4.39 -5.64 11.26
CA ILE A 231 -5.62 -5.71 12.03
C ILE A 231 -5.31 -5.61 13.52
N TYR A 232 -4.32 -6.34 14.00
CA TYR A 232 -3.91 -6.25 15.40
C TYR A 232 -3.57 -4.82 15.77
N GLU A 233 -2.76 -4.14 14.98
CA GLU A 233 -2.34 -2.78 15.30
C GLU A 233 -3.53 -1.83 15.27
N MET A 234 -4.42 -1.93 14.30
CA MET A 234 -5.61 -1.10 14.30
C MET A 234 -6.45 -1.27 15.56
N ALA A 235 -6.64 -2.52 16.00
CA ALA A 235 -7.55 -2.80 17.12
C ALA A 235 -6.88 -2.64 18.48
N ALA A 236 -5.55 -2.74 18.57
CA ALA A 236 -4.83 -2.59 19.85
C ALA A 236 -4.24 -1.19 20.00
N GLY A 237 -3.78 -0.59 18.90
CA GLY A 237 -3.05 0.67 18.92
C GLY A 237 -1.53 0.52 18.82
N TYR A 238 -1.03 -0.71 18.79
CA TYR A 238 0.39 -1.02 18.71
C TYR A 238 0.51 -2.38 18.04
N PRO A 239 1.65 -2.71 17.46
CA PRO A 239 1.73 -3.97 16.68
C PRO A 239 2.05 -5.15 17.59
N PRO A 240 1.81 -6.37 17.12
CA PRO A 240 1.88 -7.56 17.99
C PRO A 240 3.27 -7.97 18.40
N PHE A 241 4.29 -7.64 17.61
CA PHE A 241 5.67 -8.07 17.87
C PHE A 241 6.54 -6.89 18.26
N PHE A 242 5.92 -5.86 18.84
CA PHE A 242 6.62 -4.63 19.15
C PHE A 242 7.88 -4.88 20.01
N ALA A 243 8.97 -4.24 19.67
CA ALA A 243 10.11 -4.17 20.55
C ALA A 243 10.92 -2.96 20.11
N ASP A 244 11.92 -2.60 20.93
CA ASP A 244 12.67 -1.37 20.69
C ASP A 244 13.58 -1.39 19.47
N GLN A 245 14.15 -2.53 19.13
CA GLN A 245 15.08 -2.62 18.00
C GLN A 245 14.69 -3.75 17.07
N PRO A 246 15.00 -3.62 15.76
CA PRO A 246 14.65 -4.70 14.81
C PRO A 246 15.06 -6.10 15.23
N ILE A 247 16.28 -6.34 15.73
CA ILE A 247 16.65 -7.71 16.07
C ILE A 247 15.66 -8.32 17.06
N GLN A 248 15.18 -7.51 18.02
CA GLN A 248 14.24 -8.02 19.01
C GLN A 248 12.86 -8.21 18.39
N ILE A 249 12.46 -7.32 17.48
CA ILE A 249 11.20 -7.53 16.74
C ILE A 249 11.26 -8.85 15.98
N TYR A 250 12.40 -9.11 15.31
CA TYR A 250 12.50 -10.33 14.49
C TYR A 250 12.45 -11.60 15.34
N GLU A 251 13.07 -11.57 16.52
CA GLU A 251 12.97 -12.73 17.43
C GLU A 251 11.52 -12.99 17.82
N LYS A 252 10.76 -11.94 18.10
CA LYS A 252 9.36 -12.13 18.48
C LYS A 252 8.55 -12.66 17.32
N ILE A 253 8.76 -12.13 16.11
CA ILE A 253 8.00 -12.60 14.96
C ILE A 253 8.21 -14.11 14.74
N VAL A 254 9.46 -14.56 14.73
CA VAL A 254 9.72 -15.97 14.38
C VAL A 254 9.32 -16.90 15.52
N SER A 255 9.21 -16.39 16.75
CA SER A 255 8.62 -17.19 17.80
C SER A 255 7.14 -17.27 17.53
N GLY A 256 6.55 -16.18 17.01
CA GLY A 256 5.14 -16.01 16.75
C GLY A 256 4.28 -15.98 18.00
N LYS A 257 4.89 -16.00 19.19
CA LYS A 257 4.10 -15.81 20.40
C LYS A 257 3.48 -14.41 20.37
N VAL A 258 2.16 -14.35 20.56
N VAL A 258 2.17 -14.38 20.57
CA VAL A 258 1.41 -13.09 20.46
CA VAL A 258 1.41 -13.15 20.53
C VAL A 258 0.41 -13.02 21.60
C VAL A 258 0.62 -13.12 21.82
N ARG A 259 0.45 -11.91 22.35
CA ARG A 259 -0.43 -11.68 23.49
C ARG A 259 -1.55 -10.76 23.02
N PHE A 260 -2.76 -11.15 23.22
CA PHE A 260 -3.87 -10.30 22.78
C PHE A 260 -4.44 -9.52 23.96
N PRO A 261 -4.76 -8.22 23.76
CA PRO A 261 -5.51 -7.47 24.79
C PRO A 261 -6.80 -8.18 25.15
N SER A 262 -7.17 -8.15 26.43
N SER A 262 -7.17 -8.10 26.43
CA SER A 262 -8.44 -8.76 26.82
CA SER A 262 -8.43 -8.65 26.90
C SER A 262 -9.65 -8.09 26.14
C SER A 262 -9.63 -8.07 26.15
N HIS A 263 -9.55 -6.82 25.71
CA HIS A 263 -10.69 -6.22 25.04
C HIS A 263 -10.92 -6.79 23.65
N PHE A 264 -9.97 -7.52 23.05
CA PHE A 264 -10.26 -8.17 21.75
C PHE A 264 -11.39 -9.20 21.90
N SER A 265 -12.29 -9.21 20.94
CA SER A 265 -13.30 -10.27 20.87
C SER A 265 -12.64 -11.63 20.63
N SER A 266 -13.36 -12.69 21.00
CA SER A 266 -12.87 -14.03 20.69
C SER A 266 -12.76 -14.27 19.19
N ASP A 267 -13.70 -13.74 18.41
CA ASP A 267 -13.60 -13.89 16.97
C ASP A 267 -12.36 -13.20 16.42
N LEU A 268 -12.06 -11.99 16.92
CA LEU A 268 -10.83 -11.32 16.46
C LEU A 268 -9.59 -12.12 16.78
N LYS A 269 -9.49 -12.66 18.01
N LYS A 269 -9.48 -12.61 18.03
CA LYS A 269 -8.30 -13.43 18.35
CA LYS A 269 -8.35 -13.43 18.41
C LYS A 269 -8.19 -14.68 17.49
C LYS A 269 -8.22 -14.61 17.45
N ASP A 270 -9.32 -15.32 17.18
CA ASP A 270 -9.25 -16.49 16.34
C ASP A 270 -8.76 -16.14 14.93
N LEU A 271 -9.29 -15.08 14.33
CA LEU A 271 -8.82 -14.66 13.01
C LEU A 271 -7.33 -14.38 13.06
N LEU A 272 -6.89 -13.61 14.07
CA LEU A 272 -5.48 -13.22 14.13
C LEU A 272 -4.56 -14.43 14.36
N ARG A 273 -4.98 -15.44 15.12
CA ARG A 273 -4.12 -16.61 15.25
C ARG A 273 -3.93 -17.34 13.92
N ASN A 274 -4.92 -17.26 13.05
CA ASN A 274 -4.83 -17.91 11.73
C ASN A 274 -4.12 -17.08 10.69
N LEU A 275 -4.11 -15.76 10.81
CA LEU A 275 -3.32 -14.91 9.91
C LEU A 275 -1.87 -14.84 10.38
N LEU A 276 -1.64 -14.74 11.69
CA LEU A 276 -0.32 -14.71 12.29
C LEU A 276 0.18 -16.12 12.59
N GLN A 277 -0.04 -17.00 11.64
CA GLN A 277 0.43 -18.37 11.72
C GLN A 277 1.85 -18.47 11.14
N VAL A 278 2.81 -18.89 11.96
N VAL A 278 2.81 -18.85 11.98
CA VAL A 278 4.21 -18.92 11.56
CA VAL A 278 4.22 -18.89 11.55
C VAL A 278 4.52 -19.99 10.52
C VAL A 278 4.40 -19.89 10.40
N ASP A 279 3.69 -21.03 10.43
CA ASP A 279 3.82 -22.03 9.39
C ASP A 279 2.99 -21.54 8.22
N LEU A 280 3.66 -21.11 7.14
CA LEU A 280 2.95 -20.50 6.03
C LEU A 280 2.00 -21.46 5.36
N THR A 281 2.23 -22.78 5.52
CA THR A 281 1.35 -23.76 4.88
C THR A 281 0.04 -23.93 5.62
N LYS A 282 -0.07 -23.32 6.82
CA LYS A 282 -1.28 -23.35 7.64
C LYS A 282 -1.95 -21.98 7.73
N ARG A 283 -1.45 -20.99 7.05
CA ARG A 283 -1.90 -19.60 7.26
C ARG A 283 -3.13 -19.29 6.43
N PHE A 284 -4.14 -18.65 7.05
CA PHE A 284 -5.30 -18.22 6.31
C PHE A 284 -4.89 -17.33 5.13
N GLY A 285 -5.63 -17.52 4.04
CA GLY A 285 -5.33 -16.90 2.78
C GLY A 285 -4.46 -17.79 1.91
N ASN A 286 -3.80 -18.79 2.50
CA ASN A 286 -2.86 -19.68 1.80
C ASN A 286 -3.32 -21.13 1.84
N LEU A 287 -4.56 -21.40 2.23
CA LEU A 287 -5.10 -22.76 2.26
C LEU A 287 -5.86 -23.03 0.98
N LYS A 288 -6.44 -24.24 0.91
CA LYS A 288 -7.18 -24.65 -0.29
C LYS A 288 -8.29 -23.66 -0.66
N ASN A 289 -8.99 -23.09 0.33
CA ASN A 289 -10.09 -22.19 0.05
C ASN A 289 -9.63 -20.75 -0.10
N GLY A 290 -8.34 -20.50 -0.06
CA GLY A 290 -7.83 -19.17 -0.39
C GLY A 290 -8.45 -18.08 0.47
N VAL A 291 -8.81 -16.98 -0.20
CA VAL A 291 -9.32 -15.83 0.54
C VAL A 291 -10.66 -16.12 1.22
N ASN A 292 -11.39 -17.15 0.78
CA ASN A 292 -12.69 -17.38 1.37
C ASN A 292 -12.62 -17.83 2.82
N ASP A 293 -11.50 -18.39 3.28
CA ASP A 293 -11.35 -18.66 4.72
C ASP A 293 -11.38 -17.38 5.52
N ILE A 294 -10.89 -16.29 4.93
CA ILE A 294 -10.92 -14.99 5.59
C ILE A 294 -12.30 -14.36 5.45
N LYS A 295 -12.86 -14.32 4.23
CA LYS A 295 -14.12 -13.64 4.02
C LYS A 295 -15.26 -14.30 4.79
N ASN A 296 -15.19 -15.61 5.01
CA ASN A 296 -16.22 -16.36 5.72
C ASN A 296 -15.95 -16.52 7.19
N HIS A 297 -14.87 -15.94 7.72
CA HIS A 297 -14.62 -16.04 9.14
C HIS A 297 -15.64 -15.25 9.95
N LYS A 298 -15.98 -15.76 11.13
CA LYS A 298 -16.95 -15.09 12.00
C LYS A 298 -16.63 -13.61 12.28
N TRP A 299 -15.34 -13.19 12.31
CA TRP A 299 -15.10 -11.77 12.58
C TRP A 299 -15.68 -10.90 11.49
N PHE A 300 -15.81 -11.42 10.26
CA PHE A 300 -16.37 -10.69 9.14
C PHE A 300 -17.86 -10.99 8.89
N ALA A 301 -18.56 -11.61 9.87
CA ALA A 301 -19.93 -12.01 9.58
C ALA A 301 -20.84 -10.84 9.25
N THR A 302 -20.57 -9.64 9.82
CA THR A 302 -21.40 -8.47 9.52
C THR A 302 -21.02 -7.76 8.23
N THR A 303 -19.96 -8.18 7.55
CA THR A 303 -19.46 -7.46 6.39
C THR A 303 -20.21 -7.87 5.13
N ASP A 304 -20.74 -6.89 4.42
CA ASP A 304 -21.35 -7.09 3.11
C ASP A 304 -20.26 -6.79 2.09
N TRP A 305 -19.64 -7.85 1.56
CA TRP A 305 -18.46 -7.66 0.73
C TRP A 305 -18.76 -6.86 -0.52
N ILE A 306 -19.92 -7.10 -1.13
CA ILE A 306 -20.29 -6.36 -2.34
C ILE A 306 -20.50 -4.88 -2.03
N ALA A 307 -21.19 -4.59 -0.92
CA ALA A 307 -21.44 -3.21 -0.56
C ALA A 307 -20.13 -2.46 -0.30
N ILE A 308 -19.15 -3.12 0.33
CA ILE A 308 -17.83 -2.49 0.52
C ILE A 308 -17.19 -2.19 -0.84
N TYR A 309 -17.16 -3.18 -1.74
CA TYR A 309 -16.57 -2.96 -3.06
C TYR A 309 -17.24 -1.80 -3.79
N GLN A 310 -18.60 -1.72 -3.71
CA GLN A 310 -19.36 -0.67 -4.39
C GLN A 310 -19.32 0.66 -3.65
N ARG A 311 -18.63 0.72 -2.49
CA ARG A 311 -18.56 1.95 -1.69
C ARG A 311 -19.93 2.44 -1.24
N LYS A 312 -20.79 1.51 -0.85
CA LYS A 312 -22.11 1.86 -0.38
C LYS A 312 -22.23 1.89 1.14
N VAL A 313 -21.22 1.42 1.87
CA VAL A 313 -21.22 1.43 3.34
C VAL A 313 -20.79 2.82 3.82
N GLU A 314 -21.49 3.37 4.79
CA GLU A 314 -21.04 4.62 5.39
C GLU A 314 -19.78 4.40 6.22
N ALA A 315 -18.76 5.22 5.95
CA ALA A 315 -17.48 5.02 6.59
C ALA A 315 -17.55 5.41 8.08
N PRO A 316 -16.64 4.87 8.89
CA PRO A 316 -16.62 5.23 10.31
C PRO A 316 -16.18 6.65 10.55
N PHE A 317 -15.48 7.27 9.59
N PHE A 317 -15.32 7.23 9.75
CA PHE A 317 -14.69 8.47 9.86
CA PHE A 317 -15.25 8.67 9.81
C PHE A 317 -14.47 9.21 8.54
C PHE A 317 -14.74 9.18 8.51
N ILE A 318 -14.85 10.47 8.44
CA ILE A 318 -14.60 11.26 7.25
C ILE A 318 -13.50 12.23 7.65
N PRO A 319 -12.35 12.20 7.00
CA PRO A 319 -11.26 13.08 7.40
C PRO A 319 -11.67 14.54 7.22
N LYS A 320 -11.12 15.39 8.06
CA LYS A 320 -11.36 16.83 7.98
C LYS A 320 -10.33 17.45 7.05
N PHE A 321 -10.81 18.09 5.99
CA PHE A 321 -9.91 18.82 5.09
C PHE A 321 -10.78 19.81 4.33
N LYS A 322 -10.16 20.88 3.79
CA LYS A 322 -10.94 21.97 3.22
C LYS A 322 -11.18 21.86 1.71
N GLY A 323 -10.43 21.01 1.02
CA GLY A 323 -10.58 20.91 -0.40
C GLY A 323 -9.44 20.11 -0.98
N PRO A 324 -9.41 19.94 -2.31
CA PRO A 324 -8.46 19.03 -2.93
C PRO A 324 -7.04 19.51 -2.87
N GLY A 325 -6.83 20.77 -2.50
CA GLY A 325 -5.49 21.29 -2.30
C GLY A 325 -5.01 21.36 -0.87
N ASP A 326 -5.83 20.91 0.07
N ASP A 326 -5.83 20.94 0.09
CA ASP A 326 -5.51 20.97 1.49
CA ASP A 326 -5.46 21.09 1.48
C ASP A 326 -4.41 19.96 1.82
C ASP A 326 -4.44 20.01 1.86
N THR A 327 -3.31 20.43 2.44
CA THR A 327 -2.21 19.59 2.86
C THR A 327 -2.16 19.39 4.37
N SER A 328 -3.17 19.85 5.11
N SER A 328 -3.19 19.83 5.09
CA SER A 328 -3.12 19.87 6.57
CA SER A 328 -3.17 19.87 6.55
C SER A 328 -3.05 18.49 7.22
C SER A 328 -2.98 18.49 7.18
N ASN A 329 -3.42 17.41 6.52
CA ASN A 329 -3.32 16.06 7.09
C ASN A 329 -2.00 15.38 6.80
N PHE A 330 -1.07 16.07 6.13
CA PHE A 330 0.28 15.59 5.94
C PHE A 330 1.22 16.54 6.68
N ASP A 331 2.46 16.15 6.85
N ASP A 331 2.48 16.09 6.86
CA ASP A 331 3.31 16.96 7.69
CA ASP A 331 3.52 16.71 7.68
C ASP A 331 4.37 17.71 6.89
C ASP A 331 4.25 17.81 6.91
N ASP A 332 5.20 18.44 7.59
CA ASP A 332 6.05 19.46 7.00
C ASP A 332 7.48 18.99 6.88
N TYR A 333 8.06 19.23 5.70
CA TYR A 333 9.42 18.79 5.38
C TYR A 333 10.18 19.95 4.80
N GLU A 334 11.50 19.95 4.95
CA GLU A 334 12.33 20.94 4.26
C GLU A 334 12.09 20.86 2.74
N GLU A 335 11.86 22.01 2.11
CA GLU A 335 11.57 22.04 0.67
C GLU A 335 12.85 22.09 -0.14
N GLU A 336 13.10 21.05 -0.94
CA GLU A 336 14.33 20.93 -1.73
C GLU A 336 14.05 21.10 -3.22
N GLU A 337 15.06 21.55 -3.99
CA GLU A 337 14.93 21.72 -5.43
C GLU A 337 14.58 20.41 -6.15
N ILE A 338 13.92 20.54 -7.32
CA ILE A 338 13.79 19.46 -8.31
C ILE A 338 14.74 19.82 -9.43
N ARG A 339 15.98 19.42 -9.28
CA ARG A 339 17.01 19.71 -10.26
C ARG A 339 17.04 18.67 -11.38
N VAL A 340 17.22 19.13 -12.60
CA VAL A 340 17.30 18.23 -13.74
C VAL A 340 18.63 18.47 -14.44
N SEP A 341 19.53 17.49 -14.46
CA SEP A 341 20.87 17.67 -15.02
CB SEP A 341 21.64 16.38 -14.76
OG SEP A 341 22.90 16.44 -15.42
C SEP A 341 20.77 17.96 -16.50
O SEP A 341 19.82 17.55 -17.15
P SEP A 341 24.12 17.23 -14.65
O1P SEP A 341 25.42 16.50 -15.17
O2P SEP A 341 23.91 18.74 -15.10
O3P SEP A 341 23.98 17.02 -13.06
N ILE A 342 21.76 18.68 -17.04
CA ILE A 342 21.86 18.87 -18.50
C ILE A 342 22.31 17.57 -19.21
N ASN A 343 22.87 16.61 -18.47
CA ASN A 343 23.31 15.31 -18.96
C ASN A 343 22.38 14.19 -18.50
N GLU A 344 22.07 13.27 -19.41
CA GLU A 344 21.22 12.12 -19.06
C GLU A 344 21.94 11.19 -18.10
N LYS A 345 21.29 10.82 -16.99
CA LYS A 345 21.86 9.87 -16.05
C LYS A 345 21.13 8.53 -16.11
N CYS A 346 21.91 7.45 -16.06
CA CYS A 346 21.35 6.10 -15.93
C CYS A 346 20.29 5.78 -17.00
N GLY A 347 20.53 6.28 -18.23
CA GLY A 347 19.56 6.05 -19.29
C GLY A 347 19.31 4.59 -19.55
N LYS A 348 20.38 3.79 -19.60
CA LYS A 348 20.24 2.38 -19.92
C LYS A 348 19.38 1.66 -18.87
N GLU A 349 19.65 1.90 -17.59
CA GLU A 349 18.94 1.17 -16.53
C GLU A 349 17.44 1.41 -16.57
N PHE A 350 17.02 2.59 -17.00
CA PHE A 350 15.63 2.98 -16.94
C PHE A 350 14.97 3.09 -18.32
N THR A 351 15.56 2.44 -19.34
CA THR A 351 15.02 2.49 -20.69
C THR A 351 13.52 2.19 -20.76
N GLU A 352 13.05 1.18 -20.02
CA GLU A 352 11.66 0.78 -20.18
C GLU A 352 10.69 1.67 -19.41
N PHE A 353 11.17 2.58 -18.55
CA PHE A 353 10.24 3.40 -17.77
C PHE A 353 9.50 4.41 -18.70
C7 PGF B . 4.01 0.75 24.06
C8 PGF B . 3.46 0.11 22.81
O5 PGF B . 3.66 -1.27 22.89
C9 PGF B . 2.88 -1.89 23.88
C10 PGF B . 3.25 -3.34 24.08
O6 PGF B . 2.43 -3.91 25.07
C11 PGF B . 2.34 -3.12 26.23
C12 PGF B . 2.88 -3.79 27.46
O7 PGF B . 3.32 -2.82 28.38
C13 PGF B . 4.35 -3.34 29.19
C14 PGF B . 5.24 -2.26 29.77
O8 PGF B . 6.56 -2.73 29.84
C15 PGF B . 6.74 -3.95 30.54
C1 A1JEU C . 5.46 7.29 -0.44
C1 A1JEU C . 6.23 7.52 -0.76
C10 A1JEU C . -0.53 10.68 -2.06
C10 A1JEU C . -0.23 10.31 -2.00
C11 A1JEU C . -0.99 9.13 -3.74
C11 A1JEU C . -2.27 10.55 -3.09
C12 A1JEU C . 0.26 12.12 -0.18
C12 A1JEU C . 0.44 11.86 -0.15
C2 A1JEU C . 6.21 8.31 0.40
C2 A1JEU C . 6.64 8.56 0.30
C3 A1JEU C . 6.35 7.78 1.82
C3 A1JEU C . 6.62 7.88 1.65
C4 A1JEU C . 7.60 8.51 -0.20
C4 A1JEU C . 8.04 9.10 -0.01
C5 A1JEU C . 5.46 9.65 0.53
C5 A1JEU C . 5.72 9.79 0.52
C6 A1JEU C . 3.41 10.85 1.02
C6 A1JEU C . 3.54 10.67 1.25
C7 A1JEU C . 3.16 10.87 2.52
C7 A1JEU C . 3.22 10.57 2.73
C8 A1JEU C . 2.13 11.03 0.25
C8 A1JEU C . 2.28 10.77 0.43
C9 A1JEU C . 0.42 11.07 -1.00
C9 A1JEU C . 0.63 10.76 -0.92
N1 A1JEU C . 4.13 9.63 0.67
N1 A1JEU C . 4.42 9.57 0.81
N2 A1JEU C . 1.58 10.37 -0.75
N2 A1JEU C . 1.77 10.07 -0.58
O1 A1JEU C . 4.37 10.58 3.18
O1 A1JEU C . 2.22 9.55 2.87
O2 A1JEU C . -0.10 9.60 -2.72
O2 A1JEU C . -1.38 11.00 -2.04
O3 A1JEU C . -1.56 11.28 -2.29
O3 A1JEU C . 0.08 9.42 -2.75
O4 A1JEU C . 1.38 12.10 0.63
O4 A1JEU C . 1.52 11.86 0.69
O5 A1JEU C . 6.09 10.70 0.47
O5 A1JEU C . 6.17 10.92 0.41
S DMS D . 4.88 0.56 10.86
O DMS D . 5.50 -0.50 11.78
C1 DMS D . 3.86 1.71 11.78
C2 DMS D . 6.17 1.66 10.29
S DMS E . 16.17 12.44 -2.48
O DMS E . 16.76 13.78 -2.83
C1 DMS E . 14.50 12.74 -1.86
C2 DMS E . 15.73 11.73 -4.07
S DMS F . -13.10 -5.22 -13.81
O DMS F . -13.37 -6.73 -13.66
C1 DMS F . -14.68 -4.35 -13.78
C2 DMS F . -12.28 -4.55 -12.35
S DMS G . 7.83 16.23 11.07
O DMS G . 7.16 17.47 10.56
C1 DMS G . 6.74 15.71 12.39
C2 DMS G . 7.53 14.93 9.86
S DMS H . 12.01 11.88 -23.14
O DMS H . 11.95 11.38 -21.71
C1 DMS H . 10.62 12.98 -23.49
C2 DMS H . 13.30 13.15 -23.19
S DMS I . 14.54 -4.14 6.14
O DMS I . 13.50 -4.16 7.23
C1 DMS I . 13.84 -5.02 4.74
C2 DMS I . 14.55 -2.46 5.46
S DMS J . -6.60 18.45 10.67
O DMS J . -7.03 18.68 9.23
C1 DMS J . -4.81 18.72 10.72
C2 DMS J . -7.11 19.91 11.60
S DMS K . 9.21 -4.93 -14.70
O DMS K . 9.23 -4.66 -16.18
C1 DMS K . 9.34 -6.74 -14.74
C2 DMS K . 10.82 -4.68 -13.95
#